data_5YGH
#
_entry.id   5YGH
#
_cell.length_a   69.417
_cell.length_b   69.417
_cell.length_c   58.070
_cell.angle_alpha   90.00
_cell.angle_beta   90.00
_cell.angle_gamma   120.00
#
_symmetry.space_group_name_H-M   'P 63'
#
loop_
_entity.id
_entity.type
_entity.pdbx_description
1 polymer 'Capsid protein'
2 water water
#
_entity_poly.entity_id   1
_entity_poly.type   'polypeptide(L)'
_entity_poly.pdbx_seq_one_letter_code
;RVSPFGGLKRLPAGLLLGHGPIRMVLAILAFLRFTAIKPSLGLINRWGSVGKKEAMEIIKKFKKDLAAMLRIINAR
;
_entity_poly.pdbx_strand_id   A,B
#
# COMPACT_ATOMS: atom_id res chain seq x y z
N PRO A 4 -20.42 0.41 1.82
CA PRO A 4 -20.55 1.83 1.48
C PRO A 4 -19.30 2.37 0.79
N PHE A 5 -18.72 3.42 1.36
CA PHE A 5 -17.49 4.02 0.88
C PHE A 5 -16.28 3.57 1.67
N GLY A 6 -16.38 2.46 2.39
CA GLY A 6 -15.24 1.93 3.10
C GLY A 6 -14.86 2.74 4.31
N GLY A 7 -14.04 2.17 5.19
CA GLY A 7 -13.65 2.79 6.43
C GLY A 7 -12.73 3.99 6.30
N LEU A 8 -12.52 4.48 5.08
CA LEU A 8 -11.55 5.55 4.86
C LEU A 8 -11.99 6.39 3.67
N LYS A 9 -12.34 7.65 3.92
CA LYS A 9 -12.69 8.54 2.81
C LYS A 9 -11.44 9.17 2.19
N ARG A 10 -10.40 9.34 2.99
CA ARG A 10 -9.14 9.93 2.55
C ARG A 10 -8.07 9.52 3.56
N LEU A 11 -6.82 9.70 3.17
CA LEU A 11 -5.74 9.40 4.10
C LEU A 11 -5.81 10.38 5.28
N PRO A 12 -5.50 9.93 6.49
CA PRO A 12 -5.48 10.86 7.63
C PRO A 12 -4.45 11.96 7.40
N ALA A 13 -4.75 13.13 7.97
CA ALA A 13 -3.84 14.27 7.83
C ALA A 13 -2.45 13.89 8.30
N GLY A 14 -1.45 14.31 7.52
CA GLY A 14 -0.07 14.15 7.90
C GLY A 14 0.55 12.83 7.51
N LEU A 15 -0.25 11.84 7.13
CA LEU A 15 0.29 10.51 6.83
C LEU A 15 1.31 10.57 5.71
N LEU A 16 0.96 11.25 4.61
CA LEU A 16 1.90 11.36 3.50
C LEU A 16 3.13 12.19 3.90
N LEU A 17 3.04 12.95 4.98
CA LEU A 17 4.16 13.73 5.48
C LEU A 17 4.88 13.03 6.63
N GLY A 18 4.54 11.76 6.89
CA GLY A 18 5.25 10.95 7.86
C GLY A 18 4.64 10.89 9.25
N HIS A 19 3.41 11.35 9.43
CA HIS A 19 2.79 11.34 10.75
C HIS A 19 1.73 10.24 10.83
N GLY A 20 1.69 9.58 11.98
CA GLY A 20 0.69 8.56 12.20
C GLY A 20 1.30 7.29 12.74
N PRO A 21 0.48 6.27 12.98
CA PRO A 21 1.03 5.00 13.48
C PRO A 21 1.98 4.38 12.47
N ILE A 22 3.01 3.72 12.99
CA ILE A 22 4.10 3.25 12.15
C ILE A 22 3.62 2.24 11.12
N ARG A 23 2.62 1.41 11.46
CA ARG A 23 2.14 0.44 10.49
C ARG A 23 1.52 1.14 9.29
N MET A 24 0.74 2.19 9.54
CA MET A 24 0.12 2.90 8.44
C MET A 24 1.15 3.71 7.66
N VAL A 25 2.17 4.22 8.34
CA VAL A 25 3.22 4.95 7.65
C VAL A 25 4.00 4.01 6.73
N LEU A 26 4.35 2.80 7.22
CA LEU A 26 5.03 1.85 6.37
C LEU A 26 4.11 1.33 5.28
N ALA A 27 2.82 1.24 5.55
CA ALA A 27 1.89 0.82 4.51
C ALA A 27 1.78 1.85 3.40
N ILE A 28 1.80 3.14 3.74
CA ILE A 28 1.72 4.12 2.67
C ILE A 28 3.05 4.24 1.95
N LEU A 29 4.18 4.03 2.65
CA LEU A 29 5.46 3.91 1.95
C LEU A 29 5.43 2.75 0.97
N ALA A 30 4.85 1.62 1.39
CA ALA A 30 4.70 0.50 0.46
C ALA A 30 3.83 0.89 -0.73
N PHE A 31 2.73 1.59 -0.48
CA PHE A 31 1.88 2.08 -1.56
C PHE A 31 2.67 2.96 -2.53
N LEU A 32 3.47 3.88 -2.01
CA LEU A 32 4.21 4.80 -2.87
C LEU A 32 5.24 4.03 -3.69
N ARG A 33 5.88 3.02 -3.07
CA ARG A 33 6.80 2.17 -3.82
C ARG A 33 6.08 1.36 -4.88
N PHE A 34 4.90 0.81 -4.54
CA PHE A 34 4.13 0.02 -5.50
C PHE A 34 3.78 0.84 -6.73
N THR A 35 3.56 2.13 -6.56
CA THR A 35 3.11 3.03 -7.62
C THR A 35 4.24 3.92 -8.12
N ALA A 36 5.48 3.67 -7.68
CA ALA A 36 6.65 4.41 -8.15
C ALA A 36 6.52 5.92 -7.95
N ILE A 37 6.04 6.30 -6.76
CA ILE A 37 5.87 7.71 -6.40
C ILE A 37 6.84 8.05 -5.28
N LYS A 38 7.48 9.22 -5.39
CA LYS A 38 8.52 9.63 -4.45
C LYS A 38 7.90 10.04 -3.12
N PRO A 39 8.41 9.54 -2.00
CA PRO A 39 7.88 9.94 -0.69
C PRO A 39 8.39 11.32 -0.28
N SER A 40 7.65 11.94 0.63
CA SER A 40 8.04 13.20 1.22
C SER A 40 9.25 13.04 2.14
N LEU A 41 9.87 14.18 2.45
CA LEU A 41 11.01 14.15 3.37
C LEU A 41 10.61 13.64 4.75
N GLY A 42 9.41 14.00 5.21
CA GLY A 42 8.94 13.52 6.50
C GLY A 42 8.76 12.02 6.52
N LEU A 43 8.15 11.48 5.46
CA LEU A 43 8.01 10.03 5.34
C LEU A 43 9.36 9.34 5.30
N ILE A 44 10.31 9.92 4.56
CA ILE A 44 11.64 9.33 4.48
C ILE A 44 12.28 9.31 5.86
N ASN A 45 12.11 10.39 6.62
CA ASN A 45 12.64 10.44 7.97
C ASN A 45 12.02 9.36 8.85
N ARG A 46 10.69 9.19 8.79
CA ARG A 46 10.08 8.10 9.54
C ARG A 46 10.68 6.76 9.14
N TRP A 47 10.79 6.52 7.82
CA TRP A 47 11.30 5.25 7.31
C TRP A 47 12.71 4.98 7.83
N GLY A 48 13.58 5.99 7.78
CA GLY A 48 14.94 5.81 8.26
C GLY A 48 15.04 5.74 9.76
N SER A 49 14.02 6.16 10.49
CA SER A 49 14.08 6.22 11.94
C SER A 49 13.40 5.05 12.64
N VAL A 50 12.63 4.23 11.91
CA VAL A 50 11.92 3.13 12.54
C VAL A 50 12.91 2.03 12.93
N GLY A 51 12.63 1.36 14.04
CA GLY A 51 13.48 0.27 14.46
C GLY A 51 13.46 -0.86 13.44
N LYS A 52 14.63 -1.47 13.24
CA LYS A 52 14.76 -2.53 12.24
C LYS A 52 13.82 -3.68 12.55
N LYS A 53 13.76 -4.10 13.81
CA LYS A 53 12.92 -5.22 14.22
C LYS A 53 11.46 -4.96 13.88
N GLU A 54 10.93 -3.83 14.39
CA GLU A 54 9.53 -3.51 14.21
C GLU A 54 9.16 -3.37 12.74
N ALA A 55 10.05 -2.76 11.94
CA ALA A 55 9.81 -2.62 10.52
C ALA A 55 9.85 -3.99 9.82
N MET A 56 10.80 -4.85 10.20
CA MET A 56 10.85 -6.20 9.64
C MET A 56 9.54 -6.94 9.90
N GLU A 57 9.04 -6.85 11.13
CA GLU A 57 7.80 -7.55 11.46
C GLU A 57 6.65 -7.01 10.62
N ILE A 58 6.55 -5.68 10.53
CA ILE A 58 5.45 -5.08 9.79
C ILE A 58 5.50 -5.47 8.32
N ILE A 59 6.69 -5.40 7.72
CA ILE A 59 6.80 -5.66 6.28
C ILE A 59 6.60 -7.14 5.98
N LYS A 60 7.04 -8.02 6.88
CA LYS A 60 6.75 -9.45 6.72
C LYS A 60 5.25 -9.72 6.79
N LYS A 61 4.54 -9.03 7.70
CA LYS A 61 3.09 -9.15 7.71
C LYS A 61 2.48 -8.63 6.39
N PHE A 62 2.98 -7.50 5.88
CA PHE A 62 2.53 -7.05 4.56
C PHE A 62 2.71 -8.14 3.51
N LYS A 63 3.86 -8.82 3.54
CA LYS A 63 4.08 -9.93 2.62
C LYS A 63 3.01 -11.00 2.77
N LYS A 64 2.60 -11.29 4.01
CA LYS A 64 1.50 -12.23 4.19
C LYS A 64 0.20 -11.70 3.59
N ASP A 65 -0.04 -10.39 3.70
CA ASP A 65 -1.26 -9.81 3.12
C ASP A 65 -1.26 -9.94 1.60
N LEU A 66 -0.11 -9.67 0.96
CA LEU A 66 -0.03 -9.84 -0.48
C LEU A 66 -0.22 -11.31 -0.87
N ALA A 67 0.34 -12.23 -0.09
CA ALA A 67 0.08 -13.65 -0.34
C ALA A 67 -1.42 -13.95 -0.29
N ALA A 68 -2.13 -13.34 0.65
CA ALA A 68 -3.57 -13.57 0.75
C ALA A 68 -4.31 -13.00 -0.46
N MET A 69 -3.93 -11.80 -0.92
CA MET A 69 -4.56 -11.25 -2.12
C MET A 69 -4.31 -12.14 -3.33
N LEU A 70 -3.08 -12.65 -3.47
CA LEU A 70 -2.78 -13.55 -4.58
C LEU A 70 -3.60 -14.83 -4.48
N ARG A 71 -3.78 -15.34 -3.26
CA ARG A 71 -4.63 -16.49 -3.02
C ARG A 71 -6.05 -16.23 -3.51
N ILE A 72 -6.60 -15.05 -3.18
CA ILE A 72 -7.96 -14.70 -3.58
C ILE A 72 -8.05 -14.58 -5.10
N ILE A 73 -7.02 -14.03 -5.75
CA ILE A 73 -7.05 -13.95 -7.21
C ILE A 73 -7.04 -15.35 -7.82
N ASN A 74 -6.17 -16.23 -7.31
CA ASN A 74 -6.11 -17.59 -7.81
C ASN A 74 -7.41 -18.34 -7.61
N ALA A 75 -8.13 -18.03 -6.52
CA ALA A 75 -9.39 -18.69 -6.25
C ALA A 75 -10.52 -18.19 -7.14
N ARG A 76 -10.45 -16.95 -7.60
CA ARG A 76 -11.49 -16.37 -8.45
C ARG A 76 -11.69 -17.16 -9.75
N PRO B 4 9.82 18.16 0.04
CA PRO B 4 8.96 18.57 1.14
C PRO B 4 7.62 17.77 1.19
N PHE B 5 6.91 17.71 0.06
CA PHE B 5 5.63 17.01 0.02
C PHE B 5 5.69 15.65 -0.67
N GLY B 6 6.77 15.35 -1.39
CA GLY B 6 6.82 14.12 -2.16
C GLY B 6 5.89 14.18 -3.35
N GLY B 7 5.82 13.06 -4.07
CA GLY B 7 5.11 13.01 -5.33
C GLY B 7 3.61 13.13 -5.24
N LEU B 8 3.03 12.92 -4.05
CA LEU B 8 1.57 12.97 -3.88
C LEU B 8 1.23 13.80 -2.66
N LYS B 9 0.45 14.86 -2.86
CA LYS B 9 -0.11 15.60 -1.73
C LYS B 9 -1.28 14.87 -1.10
N ARG B 10 -2.00 14.08 -1.90
CA ARG B 10 -3.17 13.34 -1.44
C ARG B 10 -3.48 12.30 -2.52
N LEU B 11 -4.30 11.33 -2.17
CA LEU B 11 -4.68 10.34 -3.16
C LEU B 11 -5.50 11.00 -4.26
N PRO B 12 -5.35 10.58 -5.51
CA PRO B 12 -6.17 11.15 -6.57
C PRO B 12 -7.64 10.89 -6.33
N ALA B 13 -8.47 11.86 -6.75
CA ALA B 13 -9.91 11.73 -6.57
C ALA B 13 -10.40 10.41 -7.14
N GLY B 14 -11.29 9.76 -6.40
CA GLY B 14 -11.93 8.55 -6.86
C GLY B 14 -11.15 7.27 -6.60
N LEU B 15 -9.87 7.37 -6.22
CA LEU B 15 -9.07 6.15 -6.03
C LEU B 15 -9.68 5.25 -4.96
N LEU B 16 -10.00 5.83 -3.81
CA LEU B 16 -10.57 5.03 -2.73
C LEU B 16 -11.97 4.52 -3.06
N LEU B 17 -12.59 5.07 -4.11
CA LEU B 17 -13.88 4.61 -4.61
C LEU B 17 -13.74 3.74 -5.85
N GLY B 18 -12.50 3.35 -6.19
CA GLY B 18 -12.28 2.36 -7.23
C GLY B 18 -11.93 2.91 -8.59
N HIS B 19 -11.62 4.19 -8.72
CA HIS B 19 -11.32 4.79 -10.01
C HIS B 19 -9.83 5.08 -10.13
N GLY B 20 -9.29 4.88 -11.34
CA GLY B 20 -7.90 5.16 -11.61
C GLY B 20 -7.18 3.98 -12.24
N PRO B 21 -5.88 4.13 -12.47
CA PRO B 21 -5.10 3.02 -13.02
C PRO B 21 -5.15 1.79 -12.14
N ILE B 22 -5.28 0.62 -12.79
CA ILE B 22 -5.48 -0.63 -12.06
C ILE B 22 -4.32 -0.88 -11.08
N ARG B 23 -3.10 -0.49 -11.44
CA ARG B 23 -2.02 -0.75 -10.51
C ARG B 23 -2.17 0.08 -9.25
N MET B 24 -2.60 1.34 -9.40
CA MET B 24 -2.78 2.18 -8.22
C MET B 24 -3.98 1.74 -7.41
N VAL B 25 -5.04 1.26 -8.07
CA VAL B 25 -6.20 0.72 -7.37
C VAL B 25 -5.78 -0.52 -6.57
N LEU B 26 -5.02 -1.43 -7.18
CA LEU B 26 -4.58 -2.61 -6.45
C LEU B 26 -3.60 -2.24 -5.33
N ALA B 27 -2.81 -1.18 -5.54
CA ALA B 27 -1.90 -0.76 -4.49
C ALA B 27 -2.65 -0.16 -3.30
N ILE B 28 -3.71 0.60 -3.56
CA ILE B 28 -4.45 1.16 -2.42
C ILE B 28 -5.27 0.07 -1.74
N LEU B 29 -5.73 -0.92 -2.51
CA LEU B 29 -6.35 -2.11 -1.92
C LEU B 29 -5.36 -2.85 -1.03
N ALA B 30 -4.11 -2.97 -1.48
CA ALA B 30 -3.08 -3.57 -0.63
C ALA B 30 -2.87 -2.73 0.62
N PHE B 31 -2.84 -1.40 0.46
CA PHE B 31 -2.67 -0.52 1.61
C PHE B 31 -3.79 -0.71 2.62
N LEU B 32 -5.03 -0.82 2.14
CA LEU B 32 -6.16 -1.03 3.05
C LEU B 32 -6.04 -2.38 3.74
N ARG B 33 -5.60 -3.41 3.01
CA ARG B 33 -5.41 -4.71 3.67
C ARG B 33 -4.27 -4.64 4.69
N PHE B 34 -3.18 -3.95 4.36
CA PHE B 34 -2.06 -3.81 5.28
C PHE B 34 -2.51 -3.16 6.59
N THR B 35 -3.47 -2.25 6.53
CA THR B 35 -3.92 -1.46 7.67
C THR B 35 -5.28 -1.91 8.19
N ALA B 36 -5.81 -3.02 7.70
CA ALA B 36 -7.06 -3.61 8.18
C ALA B 36 -8.23 -2.64 8.10
N ILE B 37 -8.33 -1.93 6.97
CA ILE B 37 -9.42 -1.01 6.72
C ILE B 37 -10.30 -1.60 5.62
N LYS B 38 -11.61 -1.49 5.79
CA LYS B 38 -12.51 -2.06 4.78
C LYS B 38 -12.55 -1.14 3.55
N PRO B 39 -12.47 -1.72 2.35
CA PRO B 39 -12.56 -0.90 1.14
C PRO B 39 -14.00 -0.59 0.78
N SER B 40 -14.15 0.47 -0.01
CA SER B 40 -15.44 0.91 -0.51
C SER B 40 -16.03 -0.15 -1.46
N LEU B 41 -17.33 0.01 -1.75
CA LEU B 41 -17.99 -0.89 -2.70
C LEU B 41 -17.40 -0.73 -4.10
N GLY B 42 -17.10 0.51 -4.51
CA GLY B 42 -16.51 0.70 -5.82
C GLY B 42 -15.15 0.05 -5.93
N LEU B 43 -14.36 0.14 -4.87
CA LEU B 43 -13.04 -0.49 -4.86
C LEU B 43 -13.18 -2.01 -4.92
N ILE B 44 -14.15 -2.57 -4.19
CA ILE B 44 -14.35 -4.01 -4.22
C ILE B 44 -14.83 -4.46 -5.60
N ASN B 45 -15.68 -3.67 -6.24
CA ASN B 45 -16.11 -4.00 -7.60
C ASN B 45 -14.91 -3.99 -8.54
N ARG B 46 -14.06 -2.98 -8.43
CA ARG B 46 -12.87 -2.91 -9.25
C ARG B 46 -11.97 -4.13 -9.03
N TRP B 47 -11.73 -4.48 -7.76
CA TRP B 47 -10.96 -5.67 -7.42
C TRP B 47 -11.57 -6.92 -8.04
N GLY B 48 -12.89 -7.07 -7.96
CA GLY B 48 -13.52 -8.25 -8.49
C GLY B 48 -13.56 -8.31 -10.01
N SER B 49 -13.33 -7.18 -10.67
CA SER B 49 -13.47 -7.11 -12.13
C SER B 49 -12.14 -7.17 -12.86
N VAL B 50 -11.00 -7.03 -12.17
CA VAL B 50 -9.72 -7.10 -12.86
C VAL B 50 -9.45 -8.53 -13.31
N GLY B 51 -8.83 -8.67 -14.48
CA GLY B 51 -8.48 -9.99 -14.96
C GLY B 51 -7.46 -10.66 -14.06
N LYS B 52 -7.60 -11.98 -13.90
CA LYS B 52 -6.72 -12.72 -12.99
C LYS B 52 -5.25 -12.54 -13.38
N LYS B 53 -4.96 -12.57 -14.67
CA LYS B 53 -3.58 -12.49 -15.14
C LYS B 53 -2.93 -11.17 -14.75
N GLU B 54 -3.57 -10.05 -15.12
CA GLU B 54 -2.98 -8.75 -14.84
C GLU B 54 -2.88 -8.48 -13.35
N ALA B 55 -3.88 -8.93 -12.58
CA ALA B 55 -3.82 -8.75 -11.12
C ALA B 55 -2.70 -9.57 -10.52
N MET B 56 -2.55 -10.83 -10.95
CA MET B 56 -1.45 -11.65 -10.47
C MET B 56 -0.11 -10.99 -10.76
N GLU B 57 0.05 -10.44 -11.96
CA GLU B 57 1.29 -9.76 -12.30
C GLU B 57 1.53 -8.58 -11.36
N ILE B 58 0.50 -7.76 -11.16
CA ILE B 58 0.63 -6.57 -10.34
C ILE B 58 1.00 -6.94 -8.90
N ILE B 59 0.30 -7.93 -8.34
CA ILE B 59 0.55 -8.31 -6.94
C ILE B 59 1.92 -8.96 -6.80
N LYS B 60 2.35 -9.75 -7.78
CA LYS B 60 3.68 -10.34 -7.70
C LYS B 60 4.75 -9.25 -7.69
N LYS B 61 4.57 -8.22 -8.53
CA LYS B 61 5.52 -7.10 -8.49
C LYS B 61 5.46 -6.37 -7.14
N PHE B 62 4.27 -6.22 -6.56
CA PHE B 62 4.19 -5.68 -5.20
C PHE B 62 5.03 -6.51 -4.23
N LYS B 63 4.94 -7.84 -4.34
CA LYS B 63 5.76 -8.75 -3.52
C LYS B 63 7.24 -8.40 -3.66
N LYS B 64 7.71 -8.18 -4.89
CA LYS B 64 9.13 -7.85 -5.00
C LYS B 64 9.44 -6.45 -4.46
N ASP B 65 8.48 -5.52 -4.51
CA ASP B 65 8.69 -4.21 -3.88
C ASP B 65 8.86 -4.36 -2.37
N LEU B 66 8.01 -5.19 -1.74
CA LEU B 66 8.18 -5.44 -0.31
C LEU B 66 9.53 -6.11 -0.03
N ALA B 67 9.93 -7.07 -0.88
CA ALA B 67 11.23 -7.69 -0.71
C ALA B 67 12.35 -6.64 -0.74
N ALA B 68 12.22 -5.66 -1.63
CA ALA B 68 13.21 -4.58 -1.69
C ALA B 68 13.21 -3.75 -0.41
N MET B 69 12.03 -3.45 0.14
CA MET B 69 11.98 -2.71 1.40
C MET B 69 12.62 -3.49 2.53
N LEU B 70 12.39 -4.81 2.56
CA LEU B 70 13.02 -5.63 3.59
C LEU B 70 14.55 -5.64 3.45
N ARG B 71 15.05 -5.71 2.21
CA ARG B 71 16.50 -5.65 2.01
C ARG B 71 17.06 -4.30 2.45
N ILE B 72 16.34 -3.21 2.17
CA ILE B 72 16.77 -1.90 2.66
C ILE B 72 16.84 -1.90 4.18
N ILE B 73 15.85 -2.51 4.84
CA ILE B 73 15.86 -2.54 6.30
C ILE B 73 17.04 -3.37 6.82
N ASN B 74 17.27 -4.55 6.22
CA ASN B 74 18.35 -5.41 6.68
C ASN B 74 19.70 -4.74 6.49
N ALA B 75 19.89 -4.03 5.37
CA ALA B 75 21.18 -3.46 5.04
C ALA B 75 21.45 -2.13 5.74
N ARG B 76 20.52 -1.66 6.56
CA ARG B 76 20.57 -0.31 7.10
C ARG B 76 21.40 -0.22 8.38
#